data_2GVK
#
_entry.id   2GVK
#
_cell.length_a   109.090
_cell.length_b   109.090
_cell.length_c   122.100
_cell.angle_alpha   90.000
_cell.angle_beta   90.000
_cell.angle_gamma   120.000
#
_symmetry.space_group_name_H-M   'P 63 2 2'
#
loop_
_entity.id
_entity.type
_entity.pdbx_description
1 polymer 'Heme peroxidase'
2 non-polymer 'CHLORIDE ION'
3 non-polymer 'SODIUM ION'
4 non-polymer 'UNKNOWN LIGAND'
5 non-polymer 1,2-ETHANEDIOL
6 non-polymer 'ACETIC ACID'
7 water water
#
_entity_poly.entity_id   1
_entity_poly.type   'polypeptide(L)'
_entity_poly.pdbx_seq_one_letter_code
;G(MSE)NPFQNSFGGHIPQDVAGKQGENVIFIVYNLTDSPDTVDKVKDVCANFSA(MSE)IRS(MSE)RNRFPD(MSE)Q
FSCT(MSE)GFGADAWTRLFPDKGKPKELSTFSEIKGEKYTAVSTPGDLLFHIRAKQ(MSE)GLCFEFASILDEKLKGAV
VSVDETHGFRY(MSE)DGKAIIGFVDGTENPAVDENPYHFAVIGEEDADFAGGSYVFVQKYIHD(MSE)VAWNALPVEQQ
EKVIGRHKFNDVELSDEEKPGNAHNAVTNIGDDLKIVRAN(MSE)PFANTSKGEYGTYFIGYASTFSTTRR(MSE)LEN
(MSE)FIGSPAGNTDRLLDFSTAITGTLFFVPSYDLLGELGE
;
_entity_poly.pdbx_strand_id   A
#
# COMPACT_ATOMS: atom_id res chain seq x y z
N PHE A 9 -7.76 12.67 -16.18
CA PHE A 9 -7.95 12.94 -14.72
C PHE A 9 -8.29 14.41 -14.49
N GLY A 10 -9.10 14.97 -15.38
CA GLY A 10 -9.51 16.38 -15.29
C GLY A 10 -8.34 17.35 -15.34
N GLY A 11 -7.21 16.90 -15.89
CA GLY A 11 -6.01 17.72 -15.94
C GLY A 11 -5.23 17.76 -14.63
N HIS A 12 -5.55 16.86 -13.72
CA HIS A 12 -4.87 16.82 -12.44
C HIS A 12 -3.73 15.81 -12.47
N ILE A 13 -2.58 16.23 -11.99
CA ILE A 13 -1.41 15.36 -11.92
CA ILE A 13 -1.42 15.35 -11.92
C ILE A 13 -1.48 14.51 -10.65
N PRO A 14 -1.47 13.17 -10.79
CA PRO A 14 -1.50 12.32 -9.62
C PRO A 14 -0.15 12.23 -8.93
N GLN A 15 -0.17 11.88 -7.67
CA GLN A 15 1.03 11.51 -6.98
C GLN A 15 1.54 10.20 -7.60
N ASP A 16 2.69 9.71 -7.11
CA ASP A 16 3.34 8.54 -7.69
CA ASP A 16 3.33 8.51 -7.68
C ASP A 16 2.67 7.26 -7.20
N VAL A 17 1.46 7.03 -7.66
CA VAL A 17 0.68 5.91 -7.22
C VAL A 17 0.76 4.72 -8.15
N ALA A 18 1.43 4.89 -9.26
CA ALA A 18 1.63 3.81 -10.19
C ALA A 18 3.10 3.57 -10.35
N GLY A 19 3.89 4.04 -9.40
CA GLY A 19 5.30 3.83 -9.41
C GLY A 19 5.68 2.37 -9.20
N LYS A 20 6.87 2.00 -9.66
CA LYS A 20 7.43 0.72 -9.37
C LYS A 20 7.86 0.72 -7.95
N GLN A 21 8.13 -0.48 -7.44
CA GLN A 21 8.58 -0.64 -6.06
C GLN A 21 10.06 -0.30 -5.92
N GLY A 22 10.37 0.55 -4.95
CA GLY A 22 11.70 1.01 -4.73
C GLY A 22 12.62 -0.08 -4.26
N GLU A 23 13.88 0.23 -4.25
CA GLU A 23 14.89 -0.66 -3.72
CA GLU A 23 14.88 -0.68 -3.71
C GLU A 23 14.86 -0.60 -2.19
N ASN A 24 14.57 0.60 -1.66
CA ASN A 24 14.50 0.86 -0.22
C ASN A 24 13.23 1.61 0.03
N VAL A 25 12.54 1.27 1.11
CA VAL A 25 11.24 1.89 1.37
CA VAL A 25 11.23 1.87 1.38
C VAL A 25 11.02 2.15 2.85
N ILE A 26 10.36 3.26 3.14
CA ILE A 26 9.91 3.59 4.47
C ILE A 26 8.42 3.79 4.42
N PHE A 27 7.70 3.07 5.25
CA PHE A 27 6.24 3.28 5.45
C PHE A 27 6.03 3.89 6.83
N ILE A 28 5.48 5.09 6.88
CA ILE A 28 5.17 5.74 8.16
C ILE A 28 3.67 6.06 8.25
N VAL A 29 3.05 5.60 9.35
CA VAL A 29 1.70 5.97 9.66
C VAL A 29 1.71 6.77 10.95
N TYR A 30 1.14 7.97 10.88
CA TYR A 30 1.03 8.87 12.01
C TYR A 30 -0.42 9.02 12.43
N ASN A 31 -0.63 9.26 13.72
CA ASN A 31 -1.89 9.81 14.20
C ASN A 31 -1.68 11.29 14.51
N LEU A 32 -2.73 12.08 14.30
CA LEU A 32 -2.71 13.48 14.68
C LEU A 32 -2.83 13.63 16.18
N THR A 33 -2.20 14.67 16.72
CA THR A 33 -2.41 15.07 18.10
C THR A 33 -3.44 16.19 18.18
N ASP A 34 -3.81 16.55 19.41
CA ASP A 34 -4.78 17.62 19.62
CA ASP A 34 -4.78 17.61 19.65
C ASP A 34 -4.11 18.98 19.90
N SER A 35 -2.88 19.12 19.48
CA SER A 35 -2.17 20.37 19.72
C SER A 35 -2.78 21.54 18.92
N PRO A 36 -2.58 22.75 19.39
CA PRO A 36 -3.14 23.92 18.69
C PRO A 36 -2.34 24.34 17.45
N ASP A 37 -1.36 23.53 17.05
CA ASP A 37 -0.60 23.77 15.81
C ASP A 37 -0.81 22.65 14.78
N THR A 38 -1.60 21.64 15.14
CA THR A 38 -1.65 20.40 14.34
C THR A 38 -2.11 20.63 12.92
N VAL A 39 -3.20 21.35 12.74
CA VAL A 39 -3.71 21.56 11.38
C VAL A 39 -2.72 22.36 10.56
N ASP A 40 -2.18 23.42 11.14
CA ASP A 40 -1.22 24.28 10.43
C ASP A 40 0.04 23.52 10.01
N LYS A 41 0.56 22.66 10.89
CA LYS A 41 1.78 21.92 10.56
C LYS A 41 1.52 20.90 9.46
N VAL A 42 0.36 20.26 9.49
CA VAL A 42 0.00 19.34 8.42
C VAL A 42 -0.14 20.11 7.08
N LYS A 43 -0.77 21.27 7.14
CA LYS A 43 -0.96 22.08 5.93
C LYS A 43 0.38 22.58 5.37
N ASP A 44 1.34 22.86 6.25
CA ASP A 44 2.72 23.24 5.82
CA ASP A 44 2.63 23.29 5.78
C ASP A 44 3.35 22.14 5.00
N VAL A 45 3.18 20.91 5.45
CA VAL A 45 3.70 19.77 4.69
C VAL A 45 2.95 19.64 3.34
N CYS A 46 1.63 19.77 3.37
CA CYS A 46 0.84 19.73 2.12
C CYS A 46 1.35 20.77 1.12
N ALA A 47 1.54 22.00 1.61
CA ALA A 47 1.95 23.10 0.78
C ALA A 47 3.35 22.89 0.17
N ASN A 48 4.22 22.21 0.90
CA ASN A 48 5.61 22.10 0.53
C ASN A 48 6.00 20.72 0.01
N PHE A 49 5.03 19.84 -0.11
CA PHE A 49 5.30 18.42 -0.45
C PHE A 49 5.95 18.24 -1.81
N SER A 50 5.37 18.85 -2.85
CA SER A 50 5.93 18.71 -4.18
C SER A 50 7.33 19.41 -4.26
N ALA A 51 7.53 20.48 -3.50
CA ALA A 51 8.84 21.13 -3.39
C ALA A 51 9.90 20.20 -2.76
N ILE A 53 9.85 16.95 -2.88
CA ILE A 53 10.14 15.96 -3.90
C ILE A 53 11.02 16.55 -4.99
N ARG A 54 10.73 17.79 -5.40
CA ARG A 54 11.57 18.47 -6.41
C ARG A 54 13.00 18.56 -5.94
N SER A 55 13.20 18.90 -4.68
CA SER A 55 14.53 19.03 -4.11
C SER A 55 15.30 17.70 -4.23
N ARG A 57 14.75 15.14 -6.22
CA ARG A 57 14.97 14.72 -7.62
C ARG A 57 15.97 15.63 -8.34
N ASN A 58 16.04 16.89 -7.93
CA ASN A 58 17.02 17.81 -8.46
C ASN A 58 18.43 17.42 -7.97
N ARG A 59 18.53 17.06 -6.69
CA ARG A 59 19.81 16.72 -6.09
CA ARG A 59 19.81 16.71 -6.09
C ARG A 59 20.30 15.33 -6.53
N PHE A 60 19.37 14.39 -6.69
CA PHE A 60 19.68 12.98 -6.97
C PHE A 60 18.83 12.45 -8.10
N PRO A 61 19.04 12.97 -9.30
CA PRO A 61 18.17 12.66 -10.42
C PRO A 61 18.15 11.19 -10.85
N ASP A 62 19.15 10.41 -10.45
CA ASP A 62 19.21 9.03 -10.85
C ASP A 62 18.81 8.05 -9.75
N GLN A 64 15.73 7.66 -8.32
CA GLN A 64 14.33 7.23 -8.36
C GLN A 64 13.58 7.56 -7.07
N PHE A 65 13.76 8.77 -6.57
CA PHE A 65 13.11 9.16 -5.35
C PHE A 65 11.64 9.40 -5.54
N SER A 66 10.85 8.91 -4.59
CA SER A 66 9.43 9.20 -4.59
CA SER A 66 9.41 9.14 -4.60
CA SER A 66 9.43 9.13 -4.61
C SER A 66 8.85 9.11 -3.18
N CYS A 67 7.81 9.92 -2.95
CA CYS A 67 7.04 9.88 -1.74
C CYS A 67 5.60 10.17 -2.08
N THR A 68 4.70 9.41 -1.47
CA THR A 68 3.28 9.71 -1.54
C THR A 68 2.76 10.00 -0.13
N GLY A 70 -0.91 10.38 2.10
CA GLY A 70 -2.33 10.08 2.15
C GLY A 70 -2.95 10.41 3.49
N PHE A 71 -4.27 10.54 3.49
CA PHE A 71 -5.05 10.91 4.67
C PHE A 71 -6.09 9.87 5.01
N GLY A 72 -6.22 9.57 6.31
CA GLY A 72 -7.28 8.70 6.81
C GLY A 72 -8.64 9.36 6.74
N ALA A 73 -9.70 8.58 6.84
CA ALA A 73 -11.03 9.09 6.63
C ALA A 73 -11.42 10.12 7.69
N ASP A 74 -11.24 9.77 8.96
CA ASP A 74 -11.58 10.71 10.05
C ASP A 74 -10.69 11.95 9.98
N ALA A 75 -9.40 11.75 9.73
CA ALA A 75 -8.44 12.85 9.65
C ALA A 75 -8.81 13.84 8.56
N TRP A 76 -9.23 13.32 7.41
CA TRP A 76 -9.60 14.17 6.29
C TRP A 76 -10.69 15.16 6.71
N THR A 77 -11.72 14.65 7.35
CA THR A 77 -12.85 15.47 7.75
C THR A 77 -12.44 16.47 8.86
N ARG A 78 -11.56 16.05 9.76
CA ARG A 78 -11.06 16.95 10.78
C ARG A 78 -10.23 18.10 10.19
N LEU A 79 -9.31 17.75 9.29
CA LEU A 79 -8.40 18.73 8.73
C LEU A 79 -9.04 19.64 7.72
N PHE A 80 -9.93 19.07 6.89
CA PHE A 80 -10.44 19.74 5.70
C PHE A 80 -11.98 19.64 5.62
N PRO A 81 -12.68 20.21 6.58
CA PRO A 81 -14.15 20.08 6.64
C PRO A 81 -14.91 20.65 5.43
N ASP A 82 -14.31 21.55 4.68
CA ASP A 82 -15.03 22.24 3.60
C ASP A 82 -14.56 21.85 2.19
N LYS A 83 -13.77 20.79 2.09
CA LYS A 83 -13.19 20.38 0.82
C LYS A 83 -13.97 19.28 0.14
N GLY A 84 -15.11 18.90 0.73
CA GLY A 84 -15.83 17.73 0.26
C GLY A 84 -15.07 16.48 0.67
N LYS A 85 -15.49 15.33 0.16
CA LYS A 85 -14.85 14.07 0.52
C LYS A 85 -14.99 13.08 -0.60
N PRO A 86 -13.90 12.35 -0.92
CA PRO A 86 -13.99 11.32 -1.95
C PRO A 86 -15.11 10.31 -1.63
N LYS A 87 -15.78 9.83 -2.66
CA LYS A 87 -16.98 9.03 -2.49
C LYS A 87 -16.78 7.77 -1.66
N GLU A 88 -15.60 7.17 -1.74
CA GLU A 88 -15.33 5.91 -1.03
C GLU A 88 -14.39 6.07 0.19
N LEU A 89 -14.12 7.32 0.59
CA LEU A 89 -13.26 7.54 1.76
C LEU A 89 -14.05 7.44 3.05
N SER A 90 -14.05 6.22 3.59
CA SER A 90 -14.69 5.91 4.84
CA SER A 90 -14.65 5.95 4.87
CA SER A 90 -14.69 5.93 4.85
C SER A 90 -13.80 4.92 5.59
N THR A 91 -13.80 5.00 6.92
CA THR A 91 -12.97 4.11 7.71
C THR A 91 -13.21 2.65 7.30
N PHE A 92 -12.12 1.93 7.05
CA PHE A 92 -12.20 0.54 6.64
C PHE A 92 -12.97 -0.26 7.68
N SER A 93 -13.93 -1.04 7.22
CA SER A 93 -14.71 -1.92 8.09
CA SER A 93 -14.69 -1.91 8.10
C SER A 93 -14.07 -3.30 8.12
N GLU A 94 -13.68 -3.74 9.29
CA GLU A 94 -13.06 -5.04 9.46
C GLU A 94 -13.83 -6.15 8.70
N ILE A 95 -13.07 -7.02 8.03
CA ILE A 95 -13.66 -8.17 7.33
C ILE A 95 -13.32 -9.43 8.10
N LYS A 96 -14.34 -10.00 8.74
CA LYS A 96 -14.14 -11.14 9.58
C LYS A 96 -14.71 -12.39 8.90
N GLY A 97 -13.82 -13.30 8.54
CA GLY A 97 -14.21 -14.57 7.95
C GLY A 97 -14.40 -15.62 9.04
N GLU A 98 -14.64 -16.85 8.64
CA GLU A 98 -14.85 -17.92 9.59
C GLU A 98 -13.54 -18.22 10.33
N LYS A 99 -12.42 -17.94 9.69
CA LYS A 99 -11.13 -18.27 10.26
C LYS A 99 -10.21 -17.05 10.39
N TYR A 100 -10.20 -16.19 9.38
CA TYR A 100 -9.27 -15.08 9.33
C TYR A 100 -9.98 -13.76 9.34
N THR A 101 -9.28 -12.73 9.85
CA THR A 101 -9.83 -11.39 9.92
C THR A 101 -8.88 -10.38 9.33
N ALA A 102 -9.41 -9.55 8.42
CA ALA A 102 -8.69 -8.38 7.96
C ALA A 102 -9.05 -7.25 8.92
N VAL A 103 -8.17 -6.99 9.88
CA VAL A 103 -8.39 -6.01 10.91
C VAL A 103 -8.37 -4.58 10.37
N SER A 104 -9.05 -3.68 11.08
CA SER A 104 -9.05 -2.28 10.78
C SER A 104 -8.40 -1.55 11.94
N THR A 105 -7.30 -0.86 11.68
CA THR A 105 -6.49 -0.27 12.72
C THR A 105 -6.24 1.23 12.41
N PRO A 106 -5.82 1.99 13.41
CA PRO A 106 -5.72 3.45 13.26
C PRO A 106 -4.66 3.97 12.31
N GLY A 107 -4.86 5.21 11.87
CA GLY A 107 -3.85 5.89 11.07
C GLY A 107 -4.47 7.12 10.44
N ASP A 108 -3.84 8.28 10.62
CA ASP A 108 -4.37 9.54 10.10
C ASP A 108 -3.61 10.01 8.87
N LEU A 109 -2.28 9.84 8.90
CA LEU A 109 -1.40 10.21 7.78
C LEU A 109 -0.56 9.03 7.38
N LEU A 110 -0.40 8.84 6.07
CA LEU A 110 0.52 7.84 5.52
C LEU A 110 1.57 8.49 4.66
N PHE A 111 2.83 8.14 4.90
CA PHE A 111 3.92 8.48 3.98
C PHE A 111 4.56 7.22 3.48
N HIS A 112 4.64 7.11 2.15
CA HIS A 112 5.25 5.96 1.49
C HIS A 112 6.45 6.50 0.71
N ILE A 113 7.66 6.22 1.23
CA ILE A 113 8.88 6.82 0.76
C ILE A 113 9.76 5.74 0.14
N ARG A 114 10.19 5.97 -1.11
CA ARG A 114 10.95 4.99 -1.93
CA ARG A 114 11.01 5.00 -1.88
C ARG A 114 12.18 5.68 -2.56
N ALA A 115 13.31 4.97 -2.64
CA ALA A 115 14.47 5.45 -3.38
C ALA A 115 15.48 4.35 -3.59
N LYS A 116 16.44 4.62 -4.44
CA LYS A 116 17.52 3.65 -4.70
C LYS A 116 18.49 3.55 -3.55
N GLN A 117 18.49 4.54 -2.66
CA GLN A 117 19.31 4.52 -1.46
C GLN A 117 18.48 4.85 -0.25
N GLY A 119 19.36 6.19 2.48
CA GLY A 119 19.73 7.48 3.04
C GLY A 119 18.87 8.63 2.53
N LEU A 120 18.39 8.51 1.31
CA LEU A 120 17.51 9.55 0.74
C LEU A 120 16.12 9.48 1.34
N CYS A 121 15.64 8.27 1.61
CA CYS A 121 14.36 8.10 2.28
C CYS A 121 14.46 8.68 3.66
N PHE A 122 15.55 8.39 4.35
CA PHE A 122 15.78 8.95 5.68
C PHE A 122 15.78 10.47 5.64
N GLU A 123 16.45 11.04 4.67
CA GLU A 123 16.55 12.49 4.57
C GLU A 123 15.14 13.12 4.53
N PHE A 124 14.33 12.63 3.62
CA PHE A 124 12.98 13.13 3.46
C PHE A 124 12.17 12.93 4.74
N ALA A 125 12.25 11.74 5.31
CA ALA A 125 11.52 11.44 6.51
C ALA A 125 11.93 12.32 7.70
N SER A 126 13.22 12.67 7.78
CA SER A 126 13.70 13.50 8.87
CA SER A 126 13.71 13.51 8.86
CA SER A 126 13.72 13.53 8.86
C SER A 126 13.11 14.92 8.76
N ILE A 127 12.95 15.40 7.54
CA ILE A 127 12.38 16.72 7.33
CA ILE A 127 12.34 16.73 7.30
C ILE A 127 10.88 16.70 7.70
N LEU A 128 10.18 15.60 7.38
CA LEU A 128 8.78 15.42 7.81
C LEU A 128 8.68 15.44 9.35
N ASP A 129 9.62 14.76 10.00
CA ASP A 129 9.67 14.71 11.48
C ASP A 129 9.76 16.14 12.03
N GLU A 130 10.68 16.92 11.47
CA GLU A 130 10.89 18.29 11.89
C GLU A 130 9.66 19.16 11.65
N LYS A 131 9.07 19.05 10.47
CA LYS A 131 7.94 19.88 10.10
C LYS A 131 6.68 19.53 10.89
N LEU A 132 6.55 18.27 11.30
CA LEU A 132 5.33 17.81 11.97
C LEU A 132 5.49 17.71 13.48
N LYS A 133 6.62 18.18 14.01
CA LYS A 133 6.91 18.06 15.44
C LYS A 133 5.77 18.63 16.29
N GLY A 134 5.21 17.78 17.15
CA GLY A 134 4.12 18.19 18.06
C GLY A 134 2.73 17.94 17.51
N ALA A 135 2.66 17.74 16.19
CA ALA A 135 1.37 17.56 15.47
C ALA A 135 1.01 16.09 15.28
N VAL A 136 1.99 15.22 15.47
CA VAL A 136 1.78 13.80 15.21
C VAL A 136 2.44 12.88 16.24
N VAL A 137 1.93 11.66 16.30
CA VAL A 137 2.56 10.59 17.04
CA VAL A 137 2.55 10.57 17.05
C VAL A 137 2.66 9.38 16.11
N SER A 138 3.74 8.62 16.23
CA SER A 138 3.95 7.43 15.39
C SER A 138 3.00 6.30 15.74
N VAL A 139 2.27 5.80 14.74
CA VAL A 139 1.50 4.59 14.88
C VAL A 139 2.34 3.40 14.43
N ASP A 140 2.98 3.52 13.27
CA ASP A 140 3.90 2.49 12.78
C ASP A 140 4.93 3.08 11.86
N GLU A 141 6.15 2.59 11.98
CA GLU A 141 7.19 2.80 10.97
C GLU A 141 7.79 1.47 10.61
N THR A 142 7.75 1.15 9.33
CA THR A 142 8.33 -0.07 8.83
C THR A 142 9.29 0.24 7.69
N HIS A 143 10.46 -0.38 7.74
CA HIS A 143 11.43 -0.24 6.69
C HIS A 143 11.44 -1.50 5.85
N GLY A 144 11.37 -1.32 4.54
CA GLY A 144 11.35 -2.45 3.61
C GLY A 144 12.50 -2.41 2.63
N PHE A 145 12.68 -3.50 1.90
CA PHE A 145 13.76 -3.61 0.93
C PHE A 145 13.32 -4.48 -0.20
N ARG A 146 13.87 -4.22 -1.38
CA ARG A 146 13.68 -5.11 -2.52
C ARG A 146 14.54 -6.35 -2.29
N TYR A 147 13.96 -7.50 -2.56
CA TYR A 147 14.60 -8.76 -2.27
C TYR A 147 14.85 -9.50 -3.57
N ASP A 149 15.21 -10.44 -7.27
CA ASP A 149 14.55 -9.98 -8.49
C ASP A 149 13.07 -9.71 -8.24
N GLY A 150 12.80 -8.89 -7.25
CA GLY A 150 11.43 -8.50 -6.93
C GLY A 150 10.63 -9.57 -6.20
N LYS A 151 11.33 -10.40 -5.43
CA LYS A 151 10.65 -11.44 -4.65
C LYS A 151 10.00 -10.88 -3.41
N ALA A 152 8.85 -11.43 -3.07
CA ALA A 152 8.30 -11.28 -1.77
C ALA A 152 9.15 -12.12 -0.79
N ILE A 153 8.97 -11.87 0.48
CA ILE A 153 9.84 -12.48 1.47
C ILE A 153 9.63 -14.02 1.55
N ILE A 154 8.50 -14.49 1.02
CA ILE A 154 8.22 -15.94 0.91
C ILE A 154 8.93 -16.60 -0.30
N GLY A 155 9.71 -15.82 -1.05
CA GLY A 155 10.62 -16.36 -2.07
C GLY A 155 10.04 -16.50 -3.44
N PHE A 156 8.88 -15.89 -3.66
CA PHE A 156 8.23 -15.87 -4.93
C PHE A 156 8.21 -14.45 -5.44
N VAL A 157 8.45 -14.27 -6.72
CA VAL A 157 8.35 -12.96 -7.33
C VAL A 157 6.94 -12.44 -7.15
N ASP A 158 6.84 -11.18 -6.80
CA ASP A 158 5.55 -10.55 -6.64
CA ASP A 158 5.53 -10.60 -6.73
C ASP A 158 5.45 -9.30 -7.52
N GLY A 159 4.24 -9.00 -7.97
CA GLY A 159 3.99 -7.78 -8.73
C GLY A 159 3.82 -7.97 -10.22
N THR A 160 4.02 -9.18 -10.73
CA THR A 160 3.94 -9.43 -12.20
C THR A 160 2.53 -9.14 -12.74
N GLU A 161 1.52 -9.30 -11.88
CA GLU A 161 0.12 -9.10 -12.22
CA GLU A 161 0.12 -9.08 -12.29
C GLU A 161 -0.27 -7.60 -12.28
N ASN A 162 0.60 -6.73 -11.78
CA ASN A 162 0.31 -5.29 -11.81
C ASN A 162 0.10 -4.86 -13.26
N PRO A 163 -0.88 -4.00 -13.51
CA PRO A 163 -1.11 -3.55 -14.88
C PRO A 163 0.11 -2.85 -15.48
N ALA A 164 0.53 -3.32 -16.64
CA ALA A 164 1.71 -2.81 -17.31
C ALA A 164 1.78 -3.42 -18.68
N VAL A 165 2.63 -2.84 -19.54
CA VAL A 165 2.93 -3.37 -20.91
C VAL A 165 1.78 -3.13 -21.91
N ASP A 166 0.66 -3.82 -21.70
CA ASP A 166 -0.51 -3.62 -22.56
C ASP A 166 -1.68 -2.99 -21.81
N GLU A 167 -1.39 -2.48 -20.62
CA GLU A 167 -2.34 -1.72 -19.86
C GLU A 167 -1.61 -0.60 -19.13
N ASN A 168 -2.34 0.46 -18.84
CA ASN A 168 -1.79 1.63 -18.17
C ASN A 168 -2.10 1.60 -16.69
N PRO A 169 -1.07 1.51 -15.86
CA PRO A 169 -1.34 1.38 -14.42
C PRO A 169 -2.09 2.57 -13.83
N TYR A 170 -1.92 3.76 -14.41
CA TYR A 170 -2.68 4.94 -13.91
C TYR A 170 -4.18 4.78 -14.06
N HIS A 171 -4.61 4.08 -15.10
CA HIS A 171 -6.00 3.84 -15.29
C HIS A 171 -6.61 3.09 -14.10
N PHE A 172 -5.81 2.24 -13.47
CA PHE A 172 -6.29 1.39 -12.37
C PHE A 172 -6.00 1.96 -11.00
N ALA A 173 -5.10 2.91 -10.91
CA ALA A 173 -4.68 3.47 -9.64
C ALA A 173 -5.29 4.83 -9.35
N VAL A 174 -5.76 5.52 -10.38
CA VAL A 174 -6.15 6.91 -10.25
C VAL A 174 -7.65 7.16 -10.47
N ILE A 175 -8.27 7.88 -9.54
CA ILE A 175 -9.66 8.31 -9.66
C ILE A 175 -9.87 9.14 -10.91
N GLY A 176 -10.93 8.82 -11.66
CA GLY A 176 -11.29 9.58 -12.84
C GLY A 176 -12.56 10.39 -12.69
N GLU A 177 -13.23 10.61 -13.80
CA GLU A 177 -14.34 11.53 -13.83
C GLU A 177 -15.61 11.01 -13.11
N GLU A 178 -15.59 9.73 -12.69
CA GLU A 178 -16.66 9.17 -11.86
C GLU A 178 -16.74 9.86 -10.47
N ASP A 179 -15.66 10.54 -10.07
CA ASP A 179 -15.65 11.37 -8.87
C ASP A 179 -14.79 12.61 -9.19
N ALA A 180 -15.32 13.46 -10.07
CA ALA A 180 -14.53 14.52 -10.70
C ALA A 180 -13.84 15.47 -9.74
N ASP A 181 -14.43 15.74 -8.58
CA ASP A 181 -13.83 16.69 -7.64
C ASP A 181 -12.51 16.14 -7.08
N PHE A 182 -12.29 14.84 -7.24
CA PHE A 182 -11.08 14.20 -6.70
C PHE A 182 -10.31 13.41 -7.73
N ALA A 183 -10.59 13.68 -8.99
CA ALA A 183 -9.87 13.06 -10.08
C ALA A 183 -8.39 13.35 -9.94
N GLY A 184 -7.56 12.36 -10.22
CA GLY A 184 -6.12 12.48 -10.02
C GLY A 184 -5.69 11.94 -8.66
N GLY A 185 -6.66 11.66 -7.78
CA GLY A 185 -6.36 11.08 -6.49
C GLY A 185 -6.33 9.55 -6.54
N SER A 186 -6.11 8.92 -5.39
CA SER A 186 -6.04 7.47 -5.31
C SER A 186 -6.46 6.99 -3.92
N TYR A 187 -7.02 5.80 -3.86
CA TYR A 187 -7.29 5.12 -2.60
C TYR A 187 -6.19 4.15 -2.34
N VAL A 188 -5.48 4.32 -1.23
CA VAL A 188 -4.40 3.40 -0.87
C VAL A 188 -4.71 2.66 0.41
N PHE A 189 -4.51 1.35 0.38
CA PHE A 189 -4.78 0.52 1.51
C PHE A 189 -3.50 -0.18 1.92
N VAL A 190 -3.19 -0.15 3.21
CA VAL A 190 -2.01 -0.81 3.72
C VAL A 190 -2.37 -1.90 4.76
N GLN A 191 -1.60 -3.00 4.72
CA GLN A 191 -1.67 -4.05 5.73
C GLN A 191 -0.30 -4.57 6.00
N LYS A 192 0.04 -4.71 7.28
CA LYS A 192 1.23 -5.47 7.68
C LYS A 192 0.86 -6.92 7.92
N TYR A 193 1.55 -7.82 7.24
CA TYR A 193 1.40 -9.26 7.42
C TYR A 193 2.64 -9.84 8.09
N ILE A 194 2.41 -10.67 9.11
CA ILE A 194 3.50 -11.43 9.74
C ILE A 194 3.40 -12.88 9.28
N HIS A 195 4.51 -13.43 8.81
CA HIS A 195 4.52 -14.78 8.25
C HIS A 195 4.95 -15.82 9.24
N ASP A 196 4.39 -17.02 9.09
CA ASP A 196 4.86 -18.21 9.78
C ASP A 196 5.87 -18.87 8.84
N VAL A 198 8.48 -20.72 9.44
CA VAL A 198 8.85 -22.10 9.73
C VAL A 198 7.88 -23.06 9.03
N ALA A 199 6.59 -22.78 9.12
CA ALA A 199 5.60 -23.61 8.45
C ALA A 199 5.72 -23.50 6.93
N TRP A 200 5.96 -22.29 6.43
CA TRP A 200 6.11 -22.06 4.98
C TRP A 200 7.28 -22.83 4.41
N ASN A 201 8.42 -22.76 5.11
CA ASN A 201 9.64 -23.38 4.62
C ASN A 201 9.56 -24.91 4.70
N ALA A 202 8.63 -25.43 5.50
CA ALA A 202 8.43 -26.86 5.61
C ALA A 202 7.66 -27.44 4.42
N LEU A 203 7.01 -26.56 3.64
CA LEU A 203 6.26 -26.98 2.43
CA LEU A 203 6.26 -26.98 2.45
C LEU A 203 7.20 -27.25 1.28
N PRO A 204 7.00 -28.38 0.58
CA PRO A 204 7.77 -28.56 -0.62
C PRO A 204 7.42 -27.48 -1.64
N VAL A 205 8.31 -27.23 -2.56
CA VAL A 205 8.12 -26.16 -3.51
C VAL A 205 6.83 -26.34 -4.32
N GLU A 206 6.52 -27.56 -4.69
CA GLU A 206 5.38 -27.81 -5.49
CA GLU A 206 5.31 -27.84 -5.47
C GLU A 206 4.06 -27.40 -4.73
N GLN A 207 4.03 -27.60 -3.42
CA GLN A 207 2.88 -27.17 -2.61
CA GLN A 207 2.87 -27.15 -2.62
C GLN A 207 2.88 -25.64 -2.45
N GLN A 208 4.08 -25.04 -2.32
CA GLN A 208 4.18 -23.59 -2.24
C GLN A 208 3.62 -22.96 -3.51
N GLU A 209 3.92 -23.58 -4.66
CA GLU A 209 3.43 -23.09 -5.95
C GLU A 209 1.89 -23.14 -6.04
N LYS A 210 1.30 -24.14 -5.39
CA LYS A 210 -0.16 -24.28 -5.35
C LYS A 210 -0.79 -23.26 -4.44
N VAL A 211 -0.06 -22.84 -3.41
CA VAL A 211 -0.51 -21.76 -2.54
C VAL A 211 -0.49 -20.39 -3.27
N ILE A 212 0.53 -20.17 -4.09
CA ILE A 212 0.74 -18.89 -4.74
C ILE A 212 0.01 -18.80 -6.09
N GLY A 213 0.10 -19.87 -6.87
CA GLY A 213 -0.50 -19.91 -8.20
C GLY A 213 0.48 -19.60 -9.34
N ARG A 214 1.78 -19.51 -9.02
CA ARG A 214 2.83 -19.30 -10.02
C ARG A 214 4.00 -20.21 -9.70
N HIS A 215 4.85 -20.47 -10.70
CA HIS A 215 6.05 -21.28 -10.49
C HIS A 215 7.11 -20.47 -9.77
N LYS A 216 7.83 -21.11 -8.86
CA LYS A 216 8.70 -20.40 -7.98
C LYS A 216 9.92 -19.84 -8.70
N PHE A 217 10.50 -20.65 -9.58
N PHE A 217 10.48 -20.58 -9.62
CA PHE A 217 11.74 -20.32 -10.26
CA PHE A 217 11.78 -20.21 -10.16
C PHE A 217 11.52 -19.26 -11.35
C PHE A 217 11.74 -19.46 -11.51
N ASN A 218 10.64 -19.58 -12.26
CA ASN A 218 10.49 -18.78 -13.51
C ASN A 218 9.29 -17.82 -13.53
N ASP A 219 8.52 -17.80 -12.43
CA ASP A 219 7.39 -16.84 -12.28
C ASP A 219 6.28 -17.03 -13.33
N VAL A 220 6.26 -18.17 -13.99
CA VAL A 220 5.19 -18.49 -14.94
C VAL A 220 3.93 -18.91 -14.18
N GLU A 221 2.81 -18.33 -14.57
CA GLU A 221 1.54 -18.62 -13.93
C GLU A 221 1.18 -20.08 -14.12
N LEU A 222 0.67 -20.74 -13.08
CA LEU A 222 0.19 -22.11 -13.21
CA LEU A 222 0.19 -22.11 -13.22
C LEU A 222 -0.97 -22.15 -14.20
N SER A 223 -1.08 -23.25 -14.92
CA SER A 223 -2.19 -23.44 -15.83
C SER A 223 -3.48 -23.55 -15.04
N ASP A 224 -4.61 -23.27 -15.68
CA ASP A 224 -5.92 -23.41 -15.02
C ASP A 224 -6.08 -24.80 -14.43
N GLU A 225 -5.64 -25.81 -15.16
CA GLU A 225 -5.73 -27.19 -14.70
C GLU A 225 -4.92 -27.43 -13.44
N GLU A 226 -3.78 -26.75 -13.32
CA GLU A 226 -2.89 -26.95 -12.19
C GLU A 226 -3.17 -26.00 -11.03
N LYS A 227 -3.73 -24.86 -11.31
CA LYS A 227 -3.94 -23.83 -10.28
C LYS A 227 -5.20 -24.09 -9.46
N PRO A 228 -5.03 -24.27 -8.14
CA PRO A 228 -6.19 -24.41 -7.26
C PRO A 228 -7.01 -23.14 -7.13
N GLY A 229 -8.29 -23.28 -6.84
CA GLY A 229 -9.17 -22.16 -6.73
C GLY A 229 -8.89 -21.26 -5.55
N ASN A 230 -8.11 -21.76 -4.58
CA ASN A 230 -7.75 -20.95 -3.39
C ASN A 230 -6.32 -20.41 -3.41
N ALA A 231 -5.67 -20.52 -4.58
CA ALA A 231 -4.33 -19.93 -4.77
C ALA A 231 -4.42 -18.43 -4.63
N HIS A 232 -3.37 -17.83 -4.10
CA HIS A 232 -3.33 -16.39 -3.85
C HIS A 232 -3.64 -15.59 -5.11
N ASN A 233 -3.06 -15.97 -6.23
CA ASN A 233 -3.27 -15.20 -7.45
C ASN A 233 -4.61 -15.53 -8.11
N ALA A 234 -5.24 -16.64 -7.73
CA ALA A 234 -6.59 -16.91 -8.19
C ALA A 234 -7.60 -16.02 -7.45
N VAL A 235 -7.49 -15.97 -6.12
CA VAL A 235 -8.51 -15.27 -5.34
C VAL A 235 -8.35 -13.76 -5.37
N THR A 236 -7.13 -13.26 -5.58
CA THR A 236 -6.87 -11.78 -5.52
C THR A 236 -7.03 -11.07 -6.87
N ASN A 237 -7.06 -11.85 -7.94
CA ASN A 237 -7.37 -11.32 -9.26
C ASN A 237 -8.83 -11.48 -9.44
N ILE A 238 -9.59 -10.42 -9.17
CA ILE A 238 -11.04 -10.55 -9.01
C ILE A 238 -11.76 -10.63 -10.32
N GLY A 239 -11.10 -10.24 -11.40
CA GLY A 239 -11.65 -10.40 -12.74
C GLY A 239 -12.31 -9.15 -13.26
N ASP A 240 -12.91 -9.27 -14.47
CA ASP A 240 -13.61 -8.14 -15.16
C ASP A 240 -12.70 -6.92 -15.37
N ASP A 241 -11.39 -7.17 -15.52
CA ASP A 241 -10.41 -6.11 -15.68
C ASP A 241 -10.53 -5.05 -14.55
N LEU A 242 -10.77 -5.53 -13.33
CA LEU A 242 -10.73 -4.70 -12.16
C LEU A 242 -9.42 -4.99 -11.44
N LYS A 243 -8.57 -3.99 -11.33
CA LYS A 243 -7.20 -4.19 -10.85
C LYS A 243 -6.77 -3.06 -10.01
N ILE A 244 -5.78 -3.32 -9.17
CA ILE A 244 -5.10 -2.30 -8.42
C ILE A 244 -3.59 -2.41 -8.67
N VAL A 245 -2.84 -1.45 -8.15
CA VAL A 245 -1.38 -1.45 -8.26
C VAL A 245 -0.81 -1.73 -6.89
N ARG A 246 -0.12 -2.86 -6.76
CA ARG A 246 0.22 -3.40 -5.44
C ARG A 246 1.74 -3.45 -5.27
N ALA A 247 2.20 -3.19 -4.05
CA ALA A 247 3.41 -3.82 -3.53
C ALA A 247 3.15 -4.84 -2.42
N ASN A 248 4.06 -5.79 -2.29
CA ASN A 248 4.20 -6.59 -1.09
C ASN A 248 5.64 -6.59 -0.58
N PRO A 250 8.98 -6.71 1.44
CA PRO A 250 9.55 -7.43 2.55
C PRO A 250 10.01 -6.51 3.69
N PHE A 251 9.81 -6.97 4.93
CA PHE A 251 10.48 -6.38 6.09
C PHE A 251 10.80 -7.49 7.08
N ALA A 252 11.84 -7.30 7.87
CA ALA A 252 12.25 -8.36 8.80
C ALA A 252 13.17 -7.93 9.87
N ASN A 253 13.03 -8.60 11.01
CA ASN A 253 14.05 -8.60 12.08
CA ASN A 253 14.06 -8.59 12.04
C ASN A 253 14.42 -10.05 12.32
N THR A 254 15.34 -10.58 11.51
CA THR A 254 15.64 -12.00 11.52
C THR A 254 16.17 -12.50 12.86
N SER A 255 16.82 -11.62 13.62
CA SER A 255 17.40 -12.02 14.90
C SER A 255 16.29 -12.45 15.87
N LYS A 256 15.07 -11.90 15.66
CA LYS A 256 13.87 -12.24 16.47
C LYS A 256 12.97 -13.22 15.73
N GLY A 257 13.42 -13.71 14.59
CA GLY A 257 12.63 -14.62 13.78
C GLY A 257 11.39 -13.96 13.19
N GLU A 258 11.44 -12.64 12.98
CA GLU A 258 10.28 -11.87 12.50
CA GLU A 258 10.28 -11.91 12.51
C GLU A 258 10.39 -11.61 11.01
N TYR A 259 9.45 -12.15 10.25
CA TYR A 259 9.42 -12.00 8.79
C TYR A 259 8.06 -11.51 8.38
N GLY A 260 8.02 -10.45 7.58
CA GLY A 260 6.75 -9.87 7.18
C GLY A 260 6.68 -9.32 5.77
N THR A 261 5.46 -9.04 5.35
CA THR A 261 5.16 -8.39 4.10
C THR A 261 4.33 -7.15 4.41
N TYR A 262 4.76 -6.00 3.89
CA TYR A 262 3.98 -4.80 4.00
C TYR A 262 3.23 -4.61 2.71
N PHE A 263 1.94 -4.93 2.74
CA PHE A 263 1.08 -4.75 1.60
C PHE A 263 0.67 -3.32 1.45
N ILE A 264 0.79 -2.80 0.23
CA ILE A 264 0.26 -1.50 -0.08
C ILE A 264 -0.33 -1.56 -1.50
N GLY A 265 -1.59 -1.14 -1.61
CA GLY A 265 -2.33 -1.23 -2.86
C GLY A 265 -3.01 0.09 -3.17
N TYR A 266 -2.65 0.66 -4.32
CA TYR A 266 -3.25 1.88 -4.82
C TYR A 266 -4.35 1.56 -5.83
N ALA A 267 -5.50 2.23 -5.69
CA ALA A 267 -6.67 1.92 -6.53
C ALA A 267 -7.45 3.16 -6.90
N SER A 268 -7.96 3.16 -8.13
CA SER A 268 -8.89 4.17 -8.61
C SER A 268 -10.23 4.10 -7.82
N THR A 269 -10.56 2.90 -7.36
CA THR A 269 -11.75 2.68 -6.54
C THR A 269 -11.44 1.66 -5.45
N PHE A 270 -11.70 2.05 -4.21
CA PHE A 270 -11.43 1.14 -3.11
C PHE A 270 -12.32 -0.12 -3.15
N SER A 271 -13.44 -0.04 -3.87
CA SER A 271 -14.35 -1.19 -4.03
C SER A 271 -13.60 -2.42 -4.62
N THR A 272 -12.61 -2.18 -5.45
CA THR A 272 -11.85 -3.29 -6.02
C THR A 272 -10.99 -3.94 -4.94
N THR A 273 -10.29 -3.12 -4.19
CA THR A 273 -9.45 -3.60 -3.11
C THR A 273 -10.31 -4.35 -2.09
N ARG A 274 -11.47 -3.80 -1.78
CA ARG A 274 -12.32 -4.42 -0.79
CA ARG A 274 -12.37 -4.39 -0.81
C ARG A 274 -12.86 -5.75 -1.29
N ARG A 275 -13.16 -5.85 -2.58
CA ARG A 275 -13.64 -7.12 -3.14
C ARG A 275 -12.54 -8.18 -3.08
N LEU A 277 -10.14 -8.25 -0.85
CA LEU A 277 -10.07 -8.63 0.55
C LEU A 277 -11.19 -9.59 0.93
N GLU A 278 -12.40 -9.34 0.44
CA GLU A 278 -13.52 -10.29 0.67
C GLU A 278 -13.17 -11.68 0.13
N ASN A 279 -12.66 -11.73 -1.10
CA ASN A 279 -12.25 -13.00 -1.70
C ASN A 279 -11.21 -13.72 -0.85
N PHE A 281 -10.40 -13.20 2.60
CA PHE A 281 -10.71 -13.47 4.02
C PHE A 281 -12.02 -14.20 4.24
N ILE A 282 -13.00 -13.92 3.40
CA ILE A 282 -14.30 -14.63 3.49
CA ILE A 282 -14.30 -14.61 3.48
C ILE A 282 -14.31 -15.80 2.53
N GLY A 283 -13.85 -15.55 1.31
CA GLY A 283 -13.86 -16.55 0.26
C GLY A 283 -14.99 -16.33 -0.74
N SER A 284 -14.69 -16.55 -2.01
CA SER A 284 -15.68 -16.60 -3.05
C SER A 284 -15.56 -17.93 -3.77
N PRO A 285 -16.49 -18.87 -3.51
CA PRO A 285 -17.60 -18.77 -2.56
C PRO A 285 -17.09 -18.81 -1.11
N ALA A 286 -17.98 -18.55 -0.17
CA ALA A 286 -17.59 -18.50 1.25
C ALA A 286 -16.83 -19.75 1.65
N GLY A 287 -15.69 -19.57 2.27
CA GLY A 287 -14.84 -20.69 2.69
C GLY A 287 -13.67 -20.90 1.76
N ASN A 288 -13.75 -20.38 0.53
CA ASN A 288 -12.67 -20.50 -0.45
C ASN A 288 -11.61 -19.42 -0.23
N THR A 289 -11.04 -19.41 0.96
CA THR A 289 -10.15 -18.34 1.38
C THR A 289 -8.74 -18.49 0.74
N ASP A 290 -8.03 -17.36 0.69
CA ASP A 290 -6.64 -17.34 0.23
C ASP A 290 -5.78 -18.30 1.05
N ARG A 291 -5.23 -19.29 0.40
CA ARG A 291 -4.41 -20.28 1.07
CA ARG A 291 -4.40 -20.28 1.09
C ARG A 291 -3.16 -19.63 1.72
N LEU A 292 -2.71 -18.53 1.15
CA LEU A 292 -1.53 -17.84 1.71
C LEU A 292 -1.81 -17.28 3.09
N LEU A 293 -3.09 -17.09 3.42
CA LEU A 293 -3.44 -16.65 4.78
C LEU A 293 -3.23 -17.74 5.84
N ASP A 294 -3.00 -18.99 5.40
CA ASP A 294 -2.63 -20.04 6.33
C ASP A 294 -1.17 -19.83 6.82
N PHE A 295 -0.45 -18.90 6.20
CA PHE A 295 0.94 -18.64 6.53
C PHE A 295 1.22 -17.18 6.81
N SER A 296 0.16 -16.38 6.82
CA SER A 296 0.28 -14.92 6.90
C SER A 296 -0.84 -14.33 7.75
N THR A 297 -0.47 -13.51 8.74
CA THR A 297 -1.46 -12.91 9.61
C THR A 297 -1.46 -11.40 9.47
N ALA A 298 -2.62 -10.83 9.13
CA ALA A 298 -2.77 -9.38 9.04
C ALA A 298 -2.85 -8.79 10.44
N ILE A 299 -1.97 -7.82 10.75
CA ILE A 299 -1.96 -7.18 12.05
C ILE A 299 -2.29 -5.66 11.99
N THR A 300 -2.35 -5.10 10.79
CA THR A 300 -2.87 -3.73 10.58
C THR A 300 -3.71 -3.69 9.33
N GLY A 301 -4.51 -2.65 9.20
CA GLY A 301 -5.34 -2.43 8.03
C GLY A 301 -5.93 -1.06 8.06
N THR A 302 -5.53 -0.22 7.11
CA THR A 302 -5.98 1.17 7.09
C THR A 302 -6.12 1.71 5.67
N LEU A 303 -7.19 2.46 5.44
CA LEU A 303 -7.42 3.15 4.17
C LEU A 303 -7.00 4.63 4.26
N PHE A 304 -6.33 5.09 3.22
CA PHE A 304 -5.98 6.50 3.09
C PHE A 304 -6.34 7.02 1.70
N PHE A 305 -6.61 8.30 1.63
CA PHE A 305 -6.81 9.00 0.40
C PHE A 305 -5.58 9.81 0.04
N VAL A 306 -5.08 9.58 -1.16
CA VAL A 306 -3.92 10.23 -1.69
C VAL A 306 -4.36 11.27 -2.76
N PRO A 307 -4.37 12.56 -2.39
CA PRO A 307 -4.89 13.56 -3.33
C PRO A 307 -3.97 13.82 -4.50
N SER A 308 -4.51 14.33 -5.60
CA SER A 308 -3.69 14.82 -6.68
C SER A 308 -2.77 15.90 -6.12
N TYR A 309 -1.68 16.18 -6.81
CA TYR A 309 -0.78 17.29 -6.40
C TYR A 309 -1.54 18.61 -6.37
N ASP A 310 -2.41 18.83 -7.35
CA ASP A 310 -3.21 20.07 -7.42
C ASP A 310 -4.01 20.25 -6.14
N LEU A 311 -4.72 19.22 -5.75
CA LEU A 311 -5.54 19.28 -4.57
C LEU A 311 -4.68 19.43 -3.31
N LEU A 312 -3.60 18.66 -3.24
CA LEU A 312 -2.65 18.76 -2.13
C LEU A 312 -2.20 20.22 -1.90
N GLY A 313 -1.89 20.92 -2.99
CA GLY A 313 -1.51 22.31 -2.91
C GLY A 313 -2.62 23.17 -2.31
N GLU A 314 -3.86 22.93 -2.73
CA GLU A 314 -5.01 23.66 -2.22
C GLU A 314 -5.18 23.40 -0.74
N LEU A 315 -4.98 22.14 -0.35
CA LEU A 315 -5.10 21.77 1.05
C LEU A 315 -4.11 22.56 1.92
N GLY A 316 -2.97 22.90 1.35
CA GLY A 316 -1.92 23.56 2.12
C GLY A 316 -2.06 25.08 2.23
N GLU A 317 -3.00 25.65 1.48
CA GLU A 317 -3.16 27.11 1.43
C GLU A 317 -3.53 27.72 2.81
#